data_2GQT
#
_entry.id   2GQT
#
_cell.length_a   29.717
_cell.length_b   46.501
_cell.length_c   48.714
_cell.angle_alpha   64.83
_cell.angle_beta   77.04
_cell.angle_gamma   84.40
#
_symmetry.space_group_name_H-M   'P 1'
#
loop_
_entity.id
_entity.type
_entity.pdbx_description
1 polymer 'UDP-N-Acetylenolpyruvylglucosamine Reductase'
2 non-polymer 'CALCIUM ION'
3 non-polymer 'FLAVIN-ADENINE DINUCLEOTIDE'
4 water water
#
_entity_poly.entity_id   1
_entity_poly.type   'polypeptide(L)'
_entity_poly.pdbx_seq_one_letter_code
;MEFMRVERVLLKDYTTLGVGGPAELWTVETREELKRATEAPYRVLGNGSNLLVLDEGVPERVIRLAGEFQTYDLKGWVGA
GTLLPLLVQEAARAGLSGLEGLLGIPAQVGGAVKMNAGTRFGEMADALEAVEVFHDGAFHVYCPEELGFGYRKSHLPPGG
IVTRVRLKLKERPKEEILRRMAEVDRARKGQPKRKSAGCAFKNPPGQSAGRLIDERGLKGLRVGDAMISLEHGNFIVNLG
QARAKDVLELVRRVQEELPLELEWEVWP
;
_entity_poly.pdbx_strand_id   A
#
# COMPACT_ATOMS: atom_id res chain seq x y z
N GLU A 2 -0.93 14.30 24.08
CA GLU A 2 0.46 14.51 24.53
C GLU A 2 1.07 13.20 25.05
N PHE A 3 0.33 12.10 24.90
CA PHE A 3 0.75 10.82 25.47
C PHE A 3 0.75 9.68 24.48
N MET A 4 1.03 10.01 23.23
CA MET A 4 1.08 8.97 22.24
C MET A 4 2.30 8.07 22.42
N ARG A 5 2.13 6.84 22.00
CA ARG A 5 3.18 5.84 22.04
C ARG A 5 4.27 6.15 21.01
N VAL A 6 5.50 6.20 21.49
CA VAL A 6 6.69 6.36 20.67
C VAL A 6 7.66 5.26 21.05
N GLU A 7 8.10 4.49 20.07
CA GLU A 7 9.02 3.39 20.34
C GLU A 7 9.94 3.08 19.16
N ARG A 8 11.13 2.61 19.51
CA ARG A 8 12.12 2.14 18.55
C ARG A 8 11.71 0.77 18.04
N VAL A 9 11.59 0.62 16.73
CA VAL A 9 11.22 -0.65 16.12
C VAL A 9 12.18 -0.99 14.99
N LEU A 10 12.09 -2.21 14.48
CA LEU A 10 12.72 -2.58 13.22
C LEU A 10 11.62 -2.65 12.17
N LEU A 11 11.77 -1.90 11.07
CA LEU A 11 10.71 -1.85 10.07
C LEU A 11 10.49 -3.17 9.31
N LYS A 12 11.41 -4.12 9.44
CA LYS A 12 11.20 -5.47 8.95
C LYS A 12 9.92 -6.08 9.52
N ASP A 13 9.55 -5.66 10.73
CA ASP A 13 8.36 -6.19 11.39
C ASP A 13 7.07 -5.50 10.95
N TYR A 14 7.18 -4.44 10.15
CA TYR A 14 6.05 -3.57 9.78
C TYR A 14 5.86 -3.44 8.29
N THR A 15 6.49 -4.34 7.54
CA THR A 15 6.37 -4.34 6.09
C THR A 15 6.03 -5.75 5.66
N THR A 16 5.25 -5.85 4.59
CA THR A 16 4.84 -7.16 4.13
C THR A 16 6.05 -7.94 3.57
N LEU A 17 7.04 -7.24 3.01
CA LEU A 17 8.29 -7.85 2.56
C LEU A 17 9.15 -8.43 3.70
N GLY A 18 9.11 -7.79 4.87
CA GLY A 18 9.82 -8.31 6.04
C GLY A 18 11.29 -7.93 6.11
N VAL A 19 11.62 -6.80 5.50
CA VAL A 19 12.97 -6.22 5.61
C VAL A 19 12.84 -4.78 6.07
N GLY A 20 13.87 -4.30 6.75
CA GLY A 20 13.90 -2.91 7.15
C GLY A 20 14.54 -2.70 8.49
N GLY A 21 15.40 -1.69 8.55
CA GLY A 21 16.14 -1.36 9.75
C GLY A 21 15.39 -0.48 10.73
N PRO A 22 16.14 0.10 11.70
CA PRO A 22 15.56 0.84 12.82
C PRO A 22 14.81 2.11 12.45
N ALA A 23 13.74 2.39 13.19
CA ALA A 23 12.98 3.63 13.06
C ALA A 23 12.27 3.94 14.37
N GLU A 24 12.00 5.23 14.57
CA GLU A 24 11.23 5.70 15.71
C GLU A 24 9.77 5.81 15.29
N LEU A 25 8.95 4.93 15.83
CA LEU A 25 7.55 4.84 15.44
C LEU A 25 6.66 5.61 16.40
N TRP A 26 5.89 6.56 15.86
CA TRP A 26 4.90 7.34 16.59
C TRP A 26 3.50 6.84 16.22
N THR A 27 2.79 6.25 17.18
CA THR A 27 1.43 5.77 16.93
C THR A 27 0.45 6.82 17.44
N VAL A 28 -0.26 7.44 16.49
CA VAL A 28 -1.13 8.60 16.73
C VAL A 28 -2.59 8.14 16.79
N GLU A 29 -3.31 8.57 17.82
CA GLU A 29 -4.71 8.18 18.00
C GLU A 29 -5.71 9.33 17.89
N THR A 30 -5.22 10.56 17.92
CA THR A 30 -6.09 11.74 17.95
C THR A 30 -5.55 12.85 17.06
N ARG A 31 -6.41 13.81 16.76
CA ARG A 31 -6.00 14.95 15.95
C ARG A 31 -4.88 15.74 16.63
N GLU A 32 -4.99 15.90 17.95
CA GLU A 32 -3.96 16.60 18.73
C GLU A 32 -2.62 15.85 18.74
N GLU A 33 -2.68 14.52 18.84
CA GLU A 33 -1.48 13.70 18.77
C GLU A 33 -0.83 13.80 17.39
N LEU A 34 -1.65 13.84 16.33
CA LEU A 34 -1.13 14.03 14.96
C LEU A 34 -0.42 15.39 14.81
N LYS A 35 -1.03 16.44 15.35
CA LYS A 35 -0.43 17.79 15.30
C LYS A 35 0.95 17.80 15.96
N ARG A 36 1.08 17.08 17.06
CA ARG A 36 2.35 16.98 17.80
C ARG A 36 3.40 16.15 17.06
N ALA A 37 2.98 14.99 16.54
CA ALA A 37 3.91 14.09 15.85
C ALA A 37 4.54 14.75 14.62
N THR A 38 3.80 15.64 13.97
CA THR A 38 4.23 16.26 12.71
C THR A 38 5.05 17.55 12.90
N GLU A 39 5.46 17.83 14.13
CA GLU A 39 6.22 19.04 14.44
C GLU A 39 7.69 18.93 14.03
N ALA A 40 8.13 17.71 13.75
CA ALA A 40 9.46 17.45 13.21
C ALA A 40 9.34 16.59 11.96
N PRO A 41 10.41 16.51 11.13
CA PRO A 41 10.38 15.70 9.92
C PRO A 41 9.83 14.29 10.15
N TYR A 42 8.93 13.87 9.27
CA TYR A 42 8.18 12.63 9.46
C TYR A 42 7.94 11.93 8.13
N ARG A 43 7.65 10.64 8.22
CA ARG A 43 7.09 9.83 7.14
C ARG A 43 5.83 9.18 7.70
N VAL A 44 4.91 8.77 6.83
CA VAL A 44 3.72 8.04 7.26
C VAL A 44 3.84 6.59 6.81
N LEU A 45 3.60 5.67 7.73
CA LEU A 45 3.59 4.25 7.43
C LEU A 45 2.15 3.75 7.43
N GLY A 46 1.76 3.10 6.33
CA GLY A 46 0.46 2.44 6.25
C GLY A 46 0.65 0.97 6.63
N ASN A 47 0.14 0.07 5.80
CA ASN A 47 0.34 -1.35 6.05
C ASN A 47 1.70 -1.89 5.59
N GLY A 48 2.57 -1.01 5.10
CA GLY A 48 3.91 -1.41 4.70
C GLY A 48 3.96 -2.36 3.52
N SER A 49 2.94 -2.34 2.65
CA SER A 49 2.83 -3.30 1.56
C SER A 49 3.43 -2.83 0.24
N ASN A 50 3.87 -1.57 0.17
CA ASN A 50 4.60 -1.12 -1.02
C ASN A 50 6.03 -0.64 -0.73
N LEU A 51 6.51 -0.92 0.47
CA LEU A 51 7.80 -0.39 0.92
C LEU A 51 8.93 -1.40 0.89
N LEU A 52 10.05 -0.97 0.31
CA LEU A 52 11.33 -1.64 0.49
C LEU A 52 12.17 -0.75 1.41
N VAL A 53 12.28 -1.14 2.67
CA VAL A 53 13.00 -0.35 3.66
C VAL A 53 14.39 -0.92 3.80
N LEU A 54 15.39 -0.06 3.63
CA LEU A 54 16.78 -0.47 3.66
C LEU A 54 17.22 -0.86 5.07
N ASP A 55 18.32 -1.61 5.14
CA ASP A 55 18.76 -2.21 6.38
C ASP A 55 19.17 -1.18 7.42
N GLU A 56 19.50 0.04 6.97
CA GLU A 56 19.87 1.14 7.87
C GLU A 56 18.64 1.86 8.48
N GLY A 57 17.45 1.53 8.00
CA GLY A 57 16.23 2.17 8.48
C GLY A 57 16.13 3.63 8.06
N VAL A 58 15.35 4.41 8.81
CA VAL A 58 15.13 5.84 8.51
C VAL A 58 15.28 6.69 9.77
N PRO A 59 15.77 7.94 9.61
CA PRO A 59 15.95 8.81 10.77
C PRO A 59 14.73 9.64 11.19
N GLU A 60 13.75 9.78 10.30
CA GLU A 60 12.59 10.62 10.58
C GLU A 60 11.62 9.92 11.52
N ARG A 61 10.69 10.69 12.10
CA ARG A 61 9.59 10.12 12.84
C ARG A 61 8.72 9.36 11.84
N VAL A 62 8.41 8.10 12.17
CA VAL A 62 7.53 7.30 11.33
C VAL A 62 6.17 7.23 12.03
N ILE A 63 5.16 7.79 11.39
CA ILE A 63 3.83 7.94 11.97
C ILE A 63 2.89 6.84 11.49
N ARG A 64 2.23 6.20 12.44
CA ARG A 64 1.15 5.24 12.20
C ARG A 64 -0.14 5.85 12.72
N LEU A 65 -1.21 5.75 11.94
CA LEU A 65 -2.51 6.27 12.34
C LEU A 65 -3.36 5.18 12.93
N ALA A 66 -3.75 5.38 14.20
CA ALA A 66 -4.58 4.43 14.90
C ALA A 66 -5.71 5.19 15.60
N GLY A 67 -6.32 4.61 16.64
CA GLY A 67 -7.35 5.30 17.40
C GLY A 67 -8.49 5.78 16.51
N GLU A 68 -8.79 7.08 16.56
CA GLU A 68 -9.90 7.63 15.78
C GLU A 68 -9.68 7.45 14.28
N PHE A 69 -8.43 7.28 13.87
CA PHE A 69 -8.10 7.12 12.44
C PHE A 69 -8.35 5.70 11.94
N GLN A 70 -8.75 4.78 12.83
CA GLN A 70 -9.07 3.39 12.47
C GLN A 70 -10.57 3.10 12.59
N THR A 71 -11.35 4.09 12.97
CA THR A 71 -12.78 3.88 12.99
C THR A 71 -13.40 4.28 11.65
N TYR A 72 -14.57 3.71 11.34
CA TYR A 72 -15.14 3.87 10.01
C TYR A 72 -16.65 3.71 10.03
N ASP A 73 -17.29 4.36 9.06
CA ASP A 73 -18.69 4.16 8.76
C ASP A 73 -18.76 4.16 7.23
N LEU A 74 -19.19 3.05 6.62
CA LEU A 74 -19.24 2.99 5.16
C LEU A 74 -20.05 4.10 4.50
N LYS A 75 -21.03 4.60 5.22
CA LYS A 75 -21.90 5.65 4.70
C LYS A 75 -21.52 7.03 5.25
N GLY A 76 -20.37 7.08 5.92
CA GLY A 76 -19.85 8.34 6.46
C GLY A 76 -18.35 8.41 6.31
N TRP A 77 -17.68 8.90 7.35
CA TRP A 77 -16.24 9.01 7.30
C TRP A 77 -15.55 7.71 7.65
N VAL A 78 -14.48 7.43 6.91
CA VAL A 78 -13.72 6.21 7.05
C VAL A 78 -12.28 6.61 7.37
N GLY A 79 -11.77 6.21 8.52
CA GLY A 79 -10.42 6.58 8.92
C GLY A 79 -9.35 6.00 8.00
N ALA A 80 -8.29 6.78 7.78
CA ALA A 80 -7.24 6.35 6.85
C ALA A 80 -6.40 5.18 7.36
N GLY A 81 -6.41 4.95 8.67
CA GLY A 81 -5.72 3.80 9.25
C GLY A 81 -6.49 2.49 9.14
N THR A 82 -7.73 2.56 8.67
CA THR A 82 -8.56 1.37 8.44
C THR A 82 -7.96 0.54 7.32
N LEU A 83 -7.98 -0.79 7.46
CA LEU A 83 -7.50 -1.66 6.40
C LEU A 83 -8.48 -1.77 5.25
N LEU A 84 -7.98 -1.54 4.04
CA LEU A 84 -8.79 -1.68 2.85
C LEU A 84 -9.43 -3.09 2.73
N PRO A 85 -8.68 -4.18 3.01
CA PRO A 85 -9.34 -5.48 2.96
C PRO A 85 -10.56 -5.62 3.87
N LEU A 86 -10.58 -4.94 5.01
CA LEU A 86 -11.75 -4.92 5.86
C LEU A 86 -12.91 -4.24 5.16
N LEU A 87 -12.66 -3.05 4.61
CA LEU A 87 -13.71 -2.30 3.93
C LEU A 87 -14.29 -3.04 2.73
N VAL A 88 -13.44 -3.73 1.96
CA VAL A 88 -13.94 -4.52 0.84
C VAL A 88 -15.01 -5.53 1.31
N GLN A 89 -14.70 -6.25 2.38
CA GLN A 89 -15.64 -7.26 2.90
C GLN A 89 -16.86 -6.62 3.56
N GLU A 90 -16.64 -5.53 4.29
CA GLU A 90 -17.75 -4.83 4.93
C GLU A 90 -18.74 -4.26 3.92
N ALA A 91 -18.22 -3.75 2.81
CA ALA A 91 -19.08 -3.22 1.76
C ALA A 91 -19.98 -4.32 1.21
N ALA A 92 -19.41 -5.48 0.91
CA ALA A 92 -20.21 -6.63 0.44
C ALA A 92 -21.31 -6.96 1.46
N ARG A 93 -20.96 -7.04 2.74
CA ARG A 93 -21.92 -7.35 3.80
C ARG A 93 -23.07 -6.34 3.82
N ALA A 94 -22.76 -5.08 3.50
CA ALA A 94 -23.73 -4.00 3.54
C ALA A 94 -24.52 -3.86 2.25
N GLY A 95 -24.20 -4.69 1.24
CA GLY A 95 -24.85 -4.56 -0.06
C GLY A 95 -24.45 -3.26 -0.74
N LEU A 96 -23.19 -2.88 -0.54
CA LEU A 96 -22.66 -1.66 -1.14
C LEU A 96 -21.53 -1.99 -2.11
N SER A 97 -21.74 -1.57 -3.35
CA SER A 97 -20.82 -1.84 -4.44
C SER A 97 -19.90 -0.65 -4.69
N GLY A 98 -18.66 -0.94 -5.10
CA GLY A 98 -17.71 0.11 -5.42
C GLY A 98 -16.29 -0.21 -5.02
N LEU A 99 -16.12 -1.24 -4.18
CA LEU A 99 -14.78 -1.63 -3.73
C LEU A 99 -14.31 -2.97 -4.27
N GLU A 100 -15.16 -3.66 -5.06
CA GLU A 100 -14.85 -5.03 -5.47
C GLU A 100 -13.52 -5.15 -6.19
N GLY A 101 -13.19 -4.16 -7.01
CA GLY A 101 -11.95 -4.15 -7.78
C GLY A 101 -10.70 -3.95 -6.95
N LEU A 102 -10.87 -3.70 -5.65
CA LEU A 102 -9.74 -3.46 -4.75
C LEU A 102 -9.45 -4.70 -3.89
N LEU A 103 -10.20 -5.78 -4.11
CA LEU A 103 -9.92 -7.03 -3.43
C LEU A 103 -8.49 -7.49 -3.70
N GLY A 104 -7.82 -7.95 -2.64
CA GLY A 104 -6.48 -8.47 -2.79
C GLY A 104 -5.37 -7.44 -2.63
N ILE A 105 -5.74 -6.20 -2.34
CA ILE A 105 -4.76 -5.14 -2.10
C ILE A 105 -4.63 -4.92 -0.59
N PRO A 106 -3.49 -5.33 0.01
CA PRO A 106 -3.36 -5.32 1.46
C PRO A 106 -2.91 -3.95 2.01
N ALA A 107 -3.71 -2.93 1.72
CA ALA A 107 -3.39 -1.55 2.03
C ALA A 107 -4.17 -1.04 3.24
N GLN A 108 -3.63 -0.04 3.93
CA GLN A 108 -4.49 0.87 4.68
C GLN A 108 -5.12 1.85 3.67
N VAL A 109 -6.26 2.40 4.06
CA VAL A 109 -6.93 3.40 3.22
C VAL A 109 -5.98 4.53 2.79
N GLY A 110 -5.20 5.06 3.73
CA GLY A 110 -4.30 6.16 3.40
C GLY A 110 -3.26 5.79 2.35
N GLY A 111 -2.70 4.59 2.49
CA GLY A 111 -1.72 4.08 1.53
C GLY A 111 -2.34 3.81 0.17
N ALA A 112 -3.58 3.33 0.16
CA ALA A 112 -4.31 3.09 -1.08
C ALA A 112 -4.59 4.40 -1.80
N VAL A 113 -4.89 5.46 -1.06
CA VAL A 113 -5.06 6.79 -1.65
C VAL A 113 -3.72 7.32 -2.19
N LYS A 114 -2.67 7.27 -1.37
CA LYS A 114 -1.37 7.78 -1.79
C LYS A 114 -0.90 7.11 -3.07
N MET A 115 -1.10 5.80 -3.17
CA MET A 115 -0.61 5.02 -4.30
C MET A 115 -1.70 4.69 -5.32
N ASN A 116 -2.83 5.39 -5.22
CA ASN A 116 -4.02 5.12 -6.06
C ASN A 116 -4.13 3.65 -6.42
N ALA A 117 -4.21 2.81 -5.40
CA ALA A 117 -4.11 1.37 -5.60
C ALA A 117 -5.24 0.87 -6.47
N GLY A 118 -4.94 -0.08 -7.35
CA GLY A 118 -5.97 -0.59 -8.23
C GLY A 118 -5.61 -1.84 -9.01
N THR A 119 -6.59 -2.32 -9.76
CA THR A 119 -6.49 -3.49 -10.60
C THR A 119 -7.12 -3.14 -11.95
N ARG A 120 -7.20 -4.11 -12.85
CA ARG A 120 -7.88 -3.90 -14.14
C ARG A 120 -9.37 -3.58 -13.96
N PHE A 121 -9.87 -3.84 -12.76
CA PHE A 121 -11.29 -3.68 -12.45
C PHE A 121 -11.68 -2.29 -11.96
N GLY A 122 -10.75 -1.63 -11.28
CA GLY A 122 -11.00 -0.34 -10.66
C GLY A 122 -9.82 0.12 -9.84
N GLU A 123 -9.83 1.40 -9.47
CA GLU A 123 -8.78 1.98 -8.64
C GLU A 123 -9.38 2.79 -7.50
N MET A 124 -8.56 3.03 -6.49
CA MET A 124 -8.99 3.71 -5.27
C MET A 124 -9.70 5.03 -5.58
N ALA A 125 -9.17 5.80 -6.53
CA ALA A 125 -9.76 7.09 -6.90
C ALA A 125 -11.23 6.98 -7.30
N ASP A 126 -11.59 5.88 -7.97
CA ASP A 126 -12.96 5.63 -8.43
C ASP A 126 -13.93 5.56 -7.25
N ALA A 127 -13.43 5.16 -6.08
CA ALA A 127 -14.26 4.88 -4.92
C ALA A 127 -14.29 5.99 -3.89
N LEU A 128 -13.76 7.16 -4.26
CA LEU A 128 -13.68 8.29 -3.34
C LEU A 128 -14.69 9.37 -3.64
N GLU A 129 -15.31 9.90 -2.60
CA GLU A 129 -16.12 11.13 -2.67
C GLU A 129 -15.40 12.34 -2.07
N ALA A 130 -14.64 12.12 -1.00
CA ALA A 130 -13.92 13.18 -0.33
C ALA A 130 -12.74 12.60 0.41
N VAL A 131 -11.72 13.42 0.61
CA VAL A 131 -10.49 13.00 1.29
C VAL A 131 -10.05 14.12 2.22
N GLU A 132 -9.89 13.79 3.50
CA GLU A 132 -9.31 14.72 4.46
C GLU A 132 -7.80 14.52 4.46
N VAL A 133 -7.06 15.61 4.29
CA VAL A 133 -5.60 15.59 4.28
C VAL A 133 -5.09 16.60 5.30
N PHE A 134 -4.17 16.15 6.16
CA PHE A 134 -3.53 17.01 7.13
C PHE A 134 -2.20 17.46 6.53
N HIS A 135 -2.05 18.77 6.39
CA HIS A 135 -0.80 19.34 5.89
C HIS A 135 -0.69 20.78 6.37
N ASP A 136 0.56 21.26 6.50
CA ASP A 136 0.83 22.61 7.00
C ASP A 136 0.11 22.87 8.32
N GLY A 137 0.09 21.85 9.18
CA GLY A 137 -0.49 21.99 10.51
C GLY A 137 -2.01 22.01 10.62
N ALA A 138 -2.72 21.74 9.52
CA ALA A 138 -4.18 21.83 9.50
C ALA A 138 -4.83 20.73 8.68
N PHE A 139 -6.10 20.45 8.95
CA PHE A 139 -6.89 19.47 8.20
C PHE A 139 -7.66 20.18 7.10
N HIS A 140 -7.63 19.62 5.90
CA HIS A 140 -8.34 20.19 4.76
C HIS A 140 -9.11 19.10 4.03
N VAL A 141 -10.25 19.43 3.46
CA VAL A 141 -11.06 18.45 2.75
C VAL A 141 -10.95 18.67 1.24
N TYR A 142 -10.65 17.60 0.53
CA TYR A 142 -10.49 17.64 -0.92
C TYR A 142 -11.43 16.67 -1.59
N CYS A 143 -11.82 16.99 -2.81
CA CYS A 143 -12.42 16.01 -3.70
C CYS A 143 -11.30 15.25 -4.40
N PRO A 144 -11.56 14.01 -4.86
CA PRO A 144 -10.46 13.26 -5.47
C PRO A 144 -9.85 13.94 -6.71
N GLU A 145 -10.66 14.69 -7.45
CA GLU A 145 -10.16 15.41 -8.63
C GLU A 145 -9.11 16.49 -8.29
N GLU A 146 -8.95 16.79 -7.01
CA GLU A 146 -7.94 17.78 -6.56
C GLU A 146 -6.61 17.16 -6.18
N LEU A 147 -6.52 15.83 -6.24
CA LEU A 147 -5.35 15.14 -5.69
C LEU A 147 -4.39 14.57 -6.72
N GLY A 148 -4.54 15.00 -7.97
CA GLY A 148 -3.58 14.63 -9.01
C GLY A 148 -3.41 13.14 -9.20
N PHE A 149 -4.53 12.41 -9.22
CA PHE A 149 -4.46 10.97 -9.39
C PHE A 149 -4.03 10.59 -10.80
N GLY A 150 -3.19 9.56 -10.87
CA GLY A 150 -2.81 8.92 -12.13
C GLY A 150 -2.69 7.44 -11.84
N TYR A 151 -2.15 6.69 -12.79
CA TYR A 151 -1.99 5.26 -12.60
C TYR A 151 -1.04 5.00 -11.44
N ARG A 152 -1.59 4.39 -10.37
CA ARG A 152 -0.85 4.08 -9.14
C ARG A 152 -0.07 5.30 -8.62
N LYS A 153 -0.67 6.47 -8.74
CA LYS A 153 -0.01 7.73 -8.38
C LYS A 153 -1.02 8.75 -7.84
N SER A 154 -0.53 9.60 -6.93
CA SER A 154 -1.25 10.80 -6.49
C SER A 154 -0.28 11.97 -6.44
N HIS A 155 -0.83 13.17 -6.26
CA HIS A 155 -0.04 14.37 -6.00
C HIS A 155 -0.69 15.05 -4.80
N LEU A 156 -0.45 14.51 -3.62
CA LEU A 156 -1.00 15.10 -2.41
C LEU A 156 -0.31 16.41 -2.10
N PRO A 157 -0.98 17.31 -1.35
CA PRO A 157 -0.26 18.48 -0.85
C PRO A 157 1.04 18.07 -0.16
N PRO A 158 2.10 18.89 -0.31
CA PRO A 158 3.40 18.55 0.29
C PRO A 158 3.30 18.19 1.77
N GLY A 159 3.88 17.04 2.13
CA GLY A 159 3.82 16.55 3.50
C GLY A 159 2.47 16.00 3.93
N GLY A 160 1.53 15.91 2.98
CA GLY A 160 0.14 15.56 3.30
C GLY A 160 -0.03 14.18 3.87
N ILE A 161 -0.82 14.10 4.95
CA ILE A 161 -1.21 12.83 5.55
C ILE A 161 -2.70 12.65 5.32
N VAL A 162 -3.07 11.61 4.57
CA VAL A 162 -4.48 11.26 4.44
C VAL A 162 -4.97 10.74 5.79
N THR A 163 -6.03 11.36 6.32
CA THR A 163 -6.50 11.02 7.65
C THR A 163 -7.87 10.33 7.66
N ARG A 164 -8.66 10.56 6.62
CA ARG A 164 -10.05 10.12 6.59
C ARG A 164 -10.58 10.28 5.16
N VAL A 165 -11.51 9.42 4.75
CA VAL A 165 -12.14 9.54 3.44
C VAL A 165 -13.65 9.32 3.53
N ARG A 166 -14.36 9.76 2.49
CA ARG A 166 -15.72 9.35 2.24
C ARG A 166 -15.69 8.52 0.99
N LEU A 167 -16.39 7.40 1.01
CA LEU A 167 -16.41 6.47 -0.11
C LEU A 167 -17.61 6.71 -1.03
N LYS A 168 -17.43 6.36 -2.29
CA LYS A 168 -18.48 6.44 -3.29
C LYS A 168 -19.00 5.03 -3.54
N LEU A 169 -20.15 4.71 -2.94
CA LEU A 169 -20.70 3.36 -3.01
C LEU A 169 -22.15 3.39 -3.45
N LYS A 170 -22.60 2.28 -4.03
CA LYS A 170 -23.94 2.17 -4.60
C LYS A 170 -24.58 0.86 -4.18
N GLU A 171 -25.87 0.89 -3.89
CA GLU A 171 -26.59 -0.30 -3.45
C GLU A 171 -26.71 -1.34 -4.57
N ARG A 172 -26.31 -2.58 -4.26
CA ARG A 172 -26.43 -3.71 -5.16
C ARG A 172 -26.69 -4.97 -4.33
N PRO A 173 -27.34 -5.99 -4.91
CA PRO A 173 -27.49 -7.25 -4.19
C PRO A 173 -26.16 -7.81 -3.71
N LYS A 174 -26.12 -8.26 -2.46
CA LYS A 174 -24.91 -8.83 -1.88
C LYS A 174 -24.34 -9.95 -2.75
N GLU A 175 -25.21 -10.82 -3.26
CA GLU A 175 -24.75 -11.95 -4.08
C GLU A 175 -24.05 -11.47 -5.36
N GLU A 176 -24.51 -10.36 -5.94
CA GLU A 176 -23.90 -9.78 -7.14
C GLU A 176 -22.51 -9.23 -6.82
N ILE A 177 -22.41 -8.48 -5.71
CA ILE A 177 -21.13 -7.94 -5.25
C ILE A 177 -20.13 -9.08 -5.07
N LEU A 178 -20.59 -10.17 -4.45
CA LEU A 178 -19.72 -11.33 -4.21
C LEU A 178 -19.31 -12.05 -5.50
N ARG A 179 -20.20 -12.06 -6.49
CA ARG A 179 -19.85 -12.60 -7.80
C ARG A 179 -18.74 -11.76 -8.48
N ARG A 180 -18.85 -10.44 -8.37
CA ARG A 180 -17.82 -9.54 -8.92
C ARG A 180 -16.47 -9.76 -8.24
N MET A 181 -16.51 -9.90 -6.93
CA MET A 181 -15.32 -10.17 -6.12
C MET A 181 -14.70 -11.52 -6.50
N ALA A 182 -15.54 -12.51 -6.80
CA ALA A 182 -15.06 -13.83 -7.20
C ALA A 182 -14.24 -13.75 -8.48
N GLU A 183 -14.64 -12.88 -9.41
CA GLU A 183 -13.87 -12.71 -10.64
C GLU A 183 -12.52 -12.07 -10.33
N VAL A 184 -12.51 -11.11 -9.41
CA VAL A 184 -11.24 -10.49 -9.02
C VAL A 184 -10.31 -11.53 -8.40
N ASP A 185 -10.85 -12.38 -7.54
CA ASP A 185 -10.08 -13.46 -6.93
C ASP A 185 -9.50 -14.38 -8.01
N ARG A 186 -10.34 -14.78 -8.97
CA ARG A 186 -9.90 -15.65 -10.06
C ARG A 186 -8.74 -15.00 -10.83
N ALA A 187 -8.87 -13.71 -11.13
CA ALA A 187 -7.85 -12.99 -11.87
C ALA A 187 -6.51 -12.91 -11.14
N ARG A 188 -6.54 -12.98 -9.81
CA ARG A 188 -5.33 -12.88 -8.97
C ARG A 188 -4.72 -14.26 -8.63
N LYS A 189 -5.29 -15.33 -9.16
CA LYS A 189 -4.89 -16.70 -8.79
C LYS A 189 -3.41 -17.02 -9.02
N GLY A 190 -2.81 -16.39 -10.03
CA GLY A 190 -1.41 -16.65 -10.39
C GLY A 190 -0.37 -15.96 -9.52
N GLN A 191 -0.81 -15.12 -8.58
CA GLN A 191 0.09 -14.44 -7.66
C GLN A 191 0.49 -15.42 -6.55
N PRO A 192 1.67 -15.20 -5.92
CA PRO A 192 2.14 -16.14 -4.91
C PRO A 192 1.11 -16.45 -3.83
N LYS A 193 0.92 -17.73 -3.52
CA LYS A 193 0.03 -18.18 -2.46
C LYS A 193 0.08 -17.28 -1.21
N ARG A 194 1.12 -16.43 -1.16
CA ARG A 194 1.17 -15.12 -0.46
C ARG A 194 2.49 -14.86 0.27
N LYS A 195 3.06 -13.67 0.00
CA LYS A 195 4.27 -13.11 0.67
C LYS A 195 5.03 -12.20 -0.31
N SER A 196 5.19 -10.92 0.04
CA SER A 196 5.91 -9.94 -0.82
C SER A 196 5.61 -8.48 -0.45
N ALA A 197 6.09 -7.57 -1.29
CA ALA A 197 5.62 -6.18 -1.30
C ALA A 197 4.80 -5.96 -2.57
N GLY A 198 4.17 -7.02 -3.05
CA GLY A 198 3.38 -6.98 -4.27
C GLY A 198 4.30 -6.90 -5.48
N CYS A 199 3.73 -6.50 -6.62
CA CYS A 199 4.50 -6.37 -7.85
C CYS A 199 5.75 -5.51 -7.63
N ALA A 200 6.92 -6.12 -7.84
CA ALA A 200 8.22 -5.43 -7.71
C ALA A 200 8.37 -4.31 -8.73
N PHE A 201 8.00 -4.62 -9.98
CA PHE A 201 8.27 -3.74 -11.11
C PHE A 201 7.00 -3.20 -11.74
N LYS A 202 7.14 -2.03 -12.35
CA LYS A 202 6.12 -1.44 -13.22
C LYS A 202 6.13 -2.16 -14.58
N ASN A 203 5.02 -2.07 -15.30
CA ASN A 203 4.96 -2.57 -16.67
C ASN A 203 5.37 -1.50 -17.69
N PRO A 204 6.28 -1.84 -18.63
CA PRO A 204 6.55 -0.93 -19.74
C PRO A 204 5.30 -0.79 -20.62
N PRO A 205 5.20 0.31 -21.40
CA PRO A 205 4.05 0.48 -22.30
C PRO A 205 3.85 -0.71 -23.23
N GLY A 206 2.69 -1.35 -23.12
CA GLY A 206 2.33 -2.48 -23.97
C GLY A 206 3.07 -3.76 -23.67
N GLN A 207 3.64 -3.83 -22.46
CA GLN A 207 4.41 -4.99 -22.02
C GLN A 207 3.98 -5.41 -20.61
N SER A 208 4.38 -6.62 -20.21
CA SER A 208 4.10 -7.14 -18.86
C SER A 208 5.38 -7.54 -18.15
N ALA A 209 5.64 -6.92 -17.00
CA ALA A 209 6.83 -7.21 -16.20
C ALA A 209 6.93 -8.70 -15.82
N GLY A 210 5.86 -9.27 -15.28
CA GLY A 210 5.85 -10.68 -14.88
C GLY A 210 6.15 -11.63 -16.04
N ARG A 211 5.48 -11.39 -17.17
CA ARG A 211 5.68 -12.21 -18.37
C ARG A 211 7.10 -12.04 -18.92
N LEU A 212 7.60 -10.79 -18.97
CA LEU A 212 8.95 -10.52 -19.44
C LEU A 212 9.99 -11.24 -18.58
N ILE A 213 9.84 -11.13 -17.26
CA ILE A 213 10.76 -11.75 -16.32
C ILE A 213 10.72 -13.28 -16.48
N ASP A 214 9.51 -13.83 -16.59
CA ASP A 214 9.31 -15.26 -16.86
C ASP A 214 10.02 -15.72 -18.13
N GLU A 215 9.79 -15.04 -19.26
CA GLU A 215 10.39 -15.42 -20.55
C GLU A 215 11.91 -15.35 -20.51
N ARG A 216 12.44 -14.45 -19.70
CA ARG A 216 13.88 -14.33 -19.54
C ARG A 216 14.47 -15.37 -18.59
N GLY A 217 13.62 -16.23 -18.05
CA GLY A 217 14.05 -17.35 -17.22
C GLY A 217 14.49 -16.97 -15.82
N LEU A 218 14.07 -15.80 -15.36
CA LEU A 218 14.62 -15.27 -14.11
C LEU A 218 13.93 -15.78 -12.84
N LYS A 219 12.77 -16.41 -12.99
CA LYS A 219 12.13 -17.04 -11.83
C LYS A 219 13.10 -17.99 -11.15
N GLY A 220 13.13 -17.94 -9.82
CA GLY A 220 14.01 -18.81 -9.05
C GLY A 220 15.40 -18.31 -8.75
N LEU A 221 15.82 -17.21 -9.38
CA LEU A 221 17.11 -16.61 -9.06
C LEU A 221 17.07 -16.07 -7.64
N ARG A 222 18.15 -16.32 -6.90
CA ARG A 222 18.17 -16.11 -5.46
C ARG A 222 19.45 -15.38 -5.03
N VAL A 223 19.28 -14.30 -4.27
CA VAL A 223 20.39 -13.64 -3.57
C VAL A 223 20.09 -13.76 -2.07
N GLY A 224 20.87 -14.60 -1.39
CA GLY A 224 20.63 -14.87 0.03
C GLY A 224 19.27 -15.52 0.24
N ASP A 225 18.40 -14.84 0.98
CA ASP A 225 17.02 -15.31 1.19
C ASP A 225 15.99 -14.57 0.31
N ALA A 226 16.45 -13.69 -0.58
CA ALA A 226 15.59 -13.01 -1.54
C ALA A 226 15.53 -13.84 -2.83
N MET A 227 14.33 -14.08 -3.35
CA MET A 227 14.22 -14.89 -4.56
C MET A 227 13.11 -14.37 -5.45
N ILE A 228 13.32 -14.39 -6.77
CA ILE A 228 12.23 -14.17 -7.71
C ILE A 228 11.31 -15.38 -7.62
N SER A 229 10.05 -15.12 -7.27
CA SER A 229 9.07 -16.17 -7.03
C SER A 229 8.98 -17.17 -8.17
N LEU A 230 8.88 -18.44 -7.82
CA LEU A 230 8.66 -19.50 -8.80
C LEU A 230 7.21 -19.48 -9.34
N GLU A 231 6.32 -18.74 -8.66
CA GLU A 231 4.90 -18.68 -9.02
C GLU A 231 4.55 -17.50 -9.95
N HIS A 232 5.32 -16.42 -9.85
CA HIS A 232 5.03 -15.19 -10.58
C HIS A 232 6.29 -14.34 -10.68
N GLY A 233 6.69 -14.03 -11.91
CA GLY A 233 7.95 -13.33 -12.18
C GLY A 233 8.09 -11.95 -11.57
N ASN A 234 6.96 -11.27 -11.36
CA ASN A 234 6.98 -9.91 -10.81
C ASN A 234 6.88 -9.85 -9.29
N PHE A 235 7.15 -10.98 -8.63
CA PHE A 235 7.20 -11.00 -7.17
C PHE A 235 8.57 -11.45 -6.69
N ILE A 236 9.16 -10.64 -5.81
CA ILE A 236 10.34 -11.04 -5.07
C ILE A 236 9.88 -11.42 -3.68
N VAL A 237 10.27 -12.61 -3.28
CA VAL A 237 9.83 -13.13 -2.00
C VAL A 237 11.00 -13.28 -1.01
N ASN A 238 10.64 -13.17 0.27
CA ASN A 238 11.56 -13.29 1.38
C ASN A 238 11.42 -14.69 1.97
N LEU A 239 12.46 -15.51 1.78
CA LEU A 239 12.41 -16.92 2.20
C LEU A 239 12.70 -17.12 3.69
N GLY A 240 13.02 -16.04 4.40
CA GLY A 240 13.21 -16.13 5.84
C GLY A 240 13.86 -14.92 6.45
N GLN A 241 15.15 -14.74 6.18
CA GLN A 241 15.91 -13.65 6.78
C GLN A 241 16.59 -12.78 5.73
N ALA A 242 15.87 -12.50 4.63
CA ALA A 242 16.40 -11.61 3.60
C ALA A 242 16.78 -10.27 4.21
N ARG A 243 17.89 -9.73 3.74
CA ARG A 243 18.23 -8.35 4.01
C ARG A 243 17.80 -7.52 2.82
N ALA A 244 17.51 -6.24 3.05
CA ALA A 244 17.15 -5.34 1.97
C ALA A 244 18.25 -5.30 0.89
N LYS A 245 19.51 -5.43 1.32
CA LYS A 245 20.66 -5.47 0.40
C LYS A 245 20.52 -6.58 -0.64
N ASP A 246 20.02 -7.73 -0.19
CA ASP A 246 19.80 -8.89 -1.05
C ASP A 246 18.69 -8.63 -2.05
N VAL A 247 17.61 -8.03 -1.57
CA VAL A 247 16.49 -7.65 -2.43
C VAL A 247 16.98 -6.67 -3.52
N LEU A 248 17.73 -5.63 -3.13
CA LEU A 248 18.25 -4.65 -4.09
C LEU A 248 19.18 -5.29 -5.12
N GLU A 249 20.01 -6.23 -4.67
CA GLU A 249 20.88 -6.95 -5.60
C GLU A 249 20.07 -7.72 -6.64
N LEU A 250 19.02 -8.39 -6.19
CA LEU A 250 18.14 -9.10 -7.11
C LEU A 250 17.44 -8.16 -8.09
N VAL A 251 17.01 -7.01 -7.60
CA VAL A 251 16.44 -5.97 -8.46
C VAL A 251 17.42 -5.56 -9.55
N ARG A 252 18.67 -5.30 -9.17
CA ARG A 252 19.70 -4.93 -10.13
C ARG A 252 19.94 -6.05 -11.15
N ARG A 253 19.88 -7.30 -10.71
CA ARG A 253 20.04 -8.42 -11.60
C ARG A 253 18.95 -8.46 -12.67
N VAL A 254 17.71 -8.17 -12.27
CA VAL A 254 16.62 -8.09 -13.24
C VAL A 254 16.85 -6.93 -14.20
N GLN A 255 17.28 -5.80 -13.67
CA GLN A 255 17.48 -4.59 -14.48
C GLN A 255 18.67 -4.71 -15.44
N GLU A 256 19.61 -5.61 -15.15
CA GLU A 256 20.67 -5.92 -16.13
C GLU A 256 20.06 -6.52 -17.40
N GLU A 257 18.94 -7.24 -17.26
CA GLU A 257 18.29 -7.95 -18.36
C GLU A 257 17.12 -7.25 -19.02
N LEU A 258 16.40 -6.44 -18.23
CA LEU A 258 15.16 -5.80 -18.66
C LEU A 258 15.10 -4.37 -18.14
N PRO A 259 14.81 -3.39 -19.04
CA PRO A 259 14.68 -2.01 -18.58
C PRO A 259 13.39 -1.77 -17.78
N LEU A 260 13.33 -2.34 -16.57
CA LEU A 260 12.16 -2.20 -15.70
C LEU A 260 12.44 -1.22 -14.56
N GLU A 261 11.42 -0.44 -14.20
CA GLU A 261 11.49 0.48 -13.06
C GLU A 261 10.75 -0.14 -11.87
N LEU A 262 11.22 0.14 -10.67
CA LEU A 262 10.58 -0.35 -9.45
C LEU A 262 9.20 0.26 -9.23
N GLU A 263 8.27 -0.58 -8.83
CA GLU A 263 6.96 -0.14 -8.35
C GLU A 263 7.06 0.20 -6.85
N TRP A 264 7.88 -0.55 -6.13
CA TRP A 264 8.09 -0.28 -4.69
C TRP A 264 8.69 1.08 -4.47
N GLU A 265 8.36 1.66 -3.33
CA GLU A 265 9.06 2.83 -2.84
C GLU A 265 10.13 2.39 -1.87
N VAL A 266 11.33 2.95 -2.03
CA VAL A 266 12.47 2.66 -1.19
C VAL A 266 12.59 3.73 -0.09
N TRP A 267 12.73 3.27 1.15
CA TRP A 267 13.06 4.12 2.30
C TRP A 267 14.46 3.72 2.77
N PRO A 268 15.33 4.70 3.13
CA PRO A 268 15.08 6.14 3.15
C PRO A 268 15.03 6.75 1.77
#